data_8FH1
#
_entry.id   8FH1
#
_cell.length_a   56.351
_cell.length_b   66.064
_cell.length_c   73.165
_cell.angle_alpha   90.00
_cell.angle_beta   90.00
_cell.angle_gamma   90.00
#
_symmetry.space_group_name_H-M   'P 21 21 21'
#
loop_
_entity.id
_entity.type
_entity.pdbx_description
1 polymer 'Androgen receptor'
2 non-polymer 5-ALPHA-DIHYDROTESTOSTERONE
3 non-polymer 'SULFATE ION'
4 water water
#
_entity_poly.entity_id   1
_entity_poly.type   'polypeptide(L)'
_entity_poly.pdbx_seq_one_letter_code
;SHIEGYECQPIFLNVLEAIEPGVVCAGHDNNQPDSFAALLSSLNELGERQLVHVVKWAKALPGFRNLHVDDQMAVIQYSW
MGLMVFAMGWRSFTNVNSRMLYFAPDLVFNEYRMHKSRMYSQCVRMRHLSQEFGWLQITPQEFLCMKALLLFSIIPVDGL
KNQKFFDELRMNYIKELDRIIACKRKNPTSCSRRFYQLTKLLDSVQPIARELHQLAFDLLIKSHMVSVDFPEMMAEIISV
QVPKILSGKVKPIYFHTQ
;
_entity_poly.pdbx_strand_id   A
#
loop_
_chem_comp.id
_chem_comp.type
_chem_comp.name
_chem_comp.formula
DHT non-polymer 5-ALPHA-DIHYDROTESTOSTERONE 'C19 H30 O2'
SO4 non-polymer 'SULFATE ION' 'O4 S -2'
#
# COMPACT_ATOMS: atom_id res chain seq x y z
N PRO A 10 14.71 19.98 9.54
CA PRO A 10 13.55 19.20 9.10
C PRO A 10 13.76 18.64 7.70
N ILE A 11 15.00 18.28 7.37
CA ILE A 11 15.33 17.92 5.99
C ILE A 11 14.51 16.71 5.55
N PHE A 12 14.44 15.68 6.40
CA PHE A 12 13.80 14.42 6.02
C PHE A 12 12.32 14.62 5.70
N LEU A 13 11.61 15.39 6.52
CA LEU A 13 10.20 15.63 6.26
C LEU A 13 10.00 16.55 5.07
N ASN A 14 10.91 17.50 4.87
CA ASN A 14 10.84 18.30 3.65
C ASN A 14 10.78 17.40 2.43
N VAL A 15 11.62 16.36 2.42
CA VAL A 15 11.72 15.50 1.24
C VAL A 15 10.46 14.68 1.09
N LEU A 16 9.99 14.07 2.19
CA LEU A 16 8.80 13.23 2.14
C LEU A 16 7.58 14.02 1.66
N GLU A 17 7.45 15.28 2.08
CA GLU A 17 6.31 16.09 1.66
C GLU A 17 6.43 16.47 0.18
N ALA A 18 7.64 16.77 -0.27
CA ALA A 18 7.83 17.19 -1.65
C ALA A 18 7.56 16.07 -2.65
N ILE A 19 7.84 14.81 -2.29
CA ILE A 19 7.74 13.70 -3.24
C ILE A 19 6.40 12.99 -3.14
N GLU A 20 5.53 13.37 -2.23
CA GLU A 20 4.27 12.65 -2.06
C GLU A 20 3.42 12.75 -3.32
N PRO A 21 3.00 11.63 -3.91
CA PRO A 21 2.20 11.70 -5.14
C PRO A 21 0.88 12.45 -4.97
N GLY A 22 0.46 13.05 -6.07
CA GLY A 22 -0.81 13.74 -6.16
C GLY A 22 -1.97 12.81 -6.44
N VAL A 23 -3.11 13.40 -6.80
CA VAL A 23 -4.33 12.67 -7.13
C VAL A 23 -4.09 11.78 -8.33
N VAL A 24 -4.60 10.55 -8.27
CA VAL A 24 -4.61 9.63 -9.40
C VAL A 24 -6.05 9.17 -9.62
N CYS A 25 -6.56 9.33 -10.85
CA CYS A 25 -7.91 8.85 -11.14
C CYS A 25 -7.87 7.45 -11.71
N ALA A 26 -8.94 6.71 -11.48
CA ALA A 26 -9.03 5.34 -11.94
C ALA A 26 -9.46 5.24 -13.40
N GLY A 27 -10.08 6.29 -13.93
CA GLY A 27 -10.72 6.22 -15.23
C GLY A 27 -12.05 5.52 -15.27
N HIS A 28 -12.74 5.39 -14.13
CA HIS A 28 -13.97 4.61 -14.11
C HIS A 28 -15.11 5.43 -14.73
N ASP A 29 -15.89 4.76 -15.57
CA ASP A 29 -17.13 5.31 -16.12
C ASP A 29 -18.25 5.16 -15.11
N ASN A 30 -18.48 6.20 -14.31
CA ASN A 30 -19.45 6.10 -13.22
C ASN A 30 -20.91 6.03 -13.67
N ASN A 31 -21.22 6.14 -14.95
CA ASN A 31 -22.63 6.01 -15.30
C ASN A 31 -22.95 4.63 -15.89
N GLN A 32 -22.00 3.70 -15.88
CA GLN A 32 -22.36 2.31 -16.18
C GLN A 32 -22.76 1.59 -14.89
N PRO A 33 -23.44 0.46 -15.00
CA PRO A 33 -23.89 -0.23 -13.78
C PRO A 33 -22.72 -0.79 -12.98
N ASP A 34 -22.94 -0.89 -11.66
CA ASP A 34 -21.94 -1.40 -10.73
C ASP A 34 -21.87 -2.91 -10.85
N SER A 35 -21.15 -3.39 -11.84
CA SER A 35 -20.96 -4.83 -11.99
C SER A 35 -19.61 -5.27 -11.42
N PHE A 36 -19.51 -6.55 -11.10
CA PHE A 36 -18.22 -7.07 -10.65
C PHE A 36 -17.12 -6.78 -11.65
N ALA A 37 -17.39 -7.07 -12.93
CA ALA A 37 -16.37 -6.90 -13.95
C ALA A 37 -15.96 -5.43 -14.12
N ALA A 38 -16.93 -4.51 -14.09
CA ALA A 38 -16.61 -3.11 -14.29
C ALA A 38 -15.81 -2.54 -13.11
N LEU A 39 -16.23 -2.86 -11.89
CA LEU A 39 -15.52 -2.35 -10.71
C LEU A 39 -14.11 -2.94 -10.62
N LEU A 40 -13.98 -4.27 -10.76
CA LEU A 40 -12.65 -4.84 -10.64
C LEU A 40 -11.74 -4.40 -11.78
N SER A 41 -12.29 -4.21 -12.98
CA SER A 41 -11.42 -3.71 -14.06
C SER A 41 -10.91 -2.30 -13.77
N SER A 42 -11.74 -1.45 -13.18
CA SER A 42 -11.29 -0.10 -12.84
C SER A 42 -10.29 -0.14 -11.69
N LEU A 43 -10.47 -1.04 -10.72
CA LEU A 43 -9.49 -1.17 -9.65
C LEU A 43 -8.14 -1.60 -10.22
N ASN A 44 -8.15 -2.52 -11.19
CA ASN A 44 -6.89 -2.95 -11.80
C ASN A 44 -6.23 -1.82 -12.57
N GLU A 45 -7.04 -1.02 -13.26
CA GLU A 45 -6.51 0.12 -13.98
C GLU A 45 -5.93 1.15 -13.00
N LEU A 46 -6.63 1.40 -11.89
CA LEU A 46 -6.09 2.29 -10.87
C LEU A 46 -4.77 1.76 -10.33
N GLY A 47 -4.70 0.46 -10.03
CA GLY A 47 -3.43 -0.11 -9.59
C GLY A 47 -2.30 0.14 -10.58
N GLU A 48 -2.58 -0.06 -11.87
CA GLU A 48 -1.53 0.14 -12.87
C GLU A 48 -1.09 1.59 -12.86
N ARG A 49 -2.03 2.51 -12.73
CA ARG A 49 -1.70 3.93 -12.75
C ARG A 49 -0.96 4.36 -11.50
N GLN A 50 -1.36 3.84 -10.35
CA GLN A 50 -0.68 4.18 -9.11
C GLN A 50 0.73 3.60 -9.09
N LEU A 51 0.92 2.40 -9.65
CA LEU A 51 2.26 1.82 -9.69
C LEU A 51 3.27 2.76 -10.31
N VAL A 52 2.91 3.43 -11.41
CA VAL A 52 3.78 4.43 -12.01
C VAL A 52 4.26 5.41 -10.95
N HIS A 53 3.32 5.93 -10.16
CA HIS A 53 3.67 6.93 -9.15
C HIS A 53 4.43 6.33 -7.99
N VAL A 54 4.11 5.08 -7.60
CA VAL A 54 4.86 4.46 -6.51
C VAL A 54 6.32 4.30 -6.88
N VAL A 55 6.60 3.94 -8.14
CA VAL A 55 7.98 3.76 -8.56
C VAL A 55 8.73 5.09 -8.49
N LYS A 56 8.11 6.17 -8.99
CA LYS A 56 8.82 7.46 -9.03
C LYS A 56 9.00 7.99 -7.63
N TRP A 57 8.02 7.73 -6.76
CA TRP A 57 8.10 8.14 -5.36
C TRP A 57 9.22 7.41 -4.63
N ALA A 58 9.28 6.08 -4.79
CA ALA A 58 10.26 5.28 -4.09
C ALA A 58 11.68 5.64 -4.53
N LYS A 59 11.87 5.84 -5.82
CA LYS A 59 13.21 6.15 -6.33
C LYS A 59 13.73 7.50 -5.82
N ALA A 60 12.84 8.38 -5.39
CA ALA A 60 13.22 9.70 -4.87
C ALA A 60 13.34 9.73 -3.36
N LEU A 61 13.14 8.60 -2.67
CA LEU A 61 13.27 8.58 -1.23
C LEU A 61 14.72 8.74 -0.79
N PRO A 62 14.95 9.41 0.34
CA PRO A 62 16.32 9.50 0.88
C PRO A 62 16.94 8.13 1.08
N GLY A 63 18.15 7.96 0.52
CA GLY A 63 18.89 6.72 0.65
C GLY A 63 18.45 5.56 -0.20
N PHE A 64 17.32 5.68 -0.93
CA PHE A 64 16.81 4.55 -1.69
C PHE A 64 17.80 4.09 -2.76
N ARG A 65 18.57 5.00 -3.32
CA ARG A 65 19.48 4.58 -4.38
C ARG A 65 20.76 3.93 -3.82
N ASN A 66 20.94 3.92 -2.49
CA ASN A 66 21.99 3.13 -1.86
C ASN A 66 21.73 1.64 -2.05
N LEU A 67 20.50 1.23 -2.33
CA LEU A 67 20.17 -0.18 -2.52
C LEU A 67 20.66 -0.66 -3.88
N HIS A 68 21.07 -1.92 -3.91
CA HIS A 68 21.39 -2.53 -5.19
C HIS A 68 20.19 -2.40 -6.13
N VAL A 69 20.48 -2.19 -7.42
CA VAL A 69 19.42 -1.89 -8.38
C VAL A 69 18.35 -3.00 -8.41
N ASP A 70 18.76 -4.26 -8.27
CA ASP A 70 17.74 -5.31 -8.27
C ASP A 70 16.90 -5.31 -7.00
N ASP A 71 17.49 -4.91 -5.87
CA ASP A 71 16.72 -4.81 -4.65
C ASP A 71 15.75 -3.64 -4.70
N GLN A 72 16.06 -2.64 -5.50
CA GLN A 72 15.16 -1.50 -5.63
C GLN A 72 13.85 -1.93 -6.25
N MET A 73 13.92 -2.68 -7.36
CA MET A 73 12.66 -3.10 -8.00
C MET A 73 11.97 -4.18 -7.20
N ALA A 74 12.73 -5.07 -6.55
CA ALA A 74 12.10 -6.11 -5.75
C ALA A 74 11.29 -5.50 -4.60
N VAL A 75 11.89 -4.53 -3.91
CA VAL A 75 11.23 -3.98 -2.72
C VAL A 75 9.94 -3.25 -3.11
N ILE A 76 9.95 -2.55 -4.25
CA ILE A 76 8.71 -1.96 -4.77
C ILE A 76 7.72 -3.05 -5.15
N GLN A 77 8.21 -4.11 -5.79
CA GLN A 77 7.26 -5.10 -6.29
C GLN A 77 6.67 -5.98 -5.18
N TYR A 78 7.29 -6.04 -4.00
CA TYR A 78 6.69 -6.75 -2.87
C TYR A 78 5.78 -5.87 -2.04
N SER A 79 6.06 -4.58 -1.93
CA SER A 79 5.38 -3.78 -0.94
C SER A 79 4.29 -2.88 -1.51
N TRP A 80 4.11 -2.90 -2.85
CA TRP A 80 3.16 -1.97 -3.46
C TRP A 80 1.75 -2.11 -2.89
N MET A 81 1.26 -3.34 -2.70
CA MET A 81 -0.08 -3.51 -2.11
C MET A 81 -0.23 -2.76 -0.81
N GLY A 82 0.65 -3.03 0.14
CA GLY A 82 0.58 -2.35 1.43
C GLY A 82 0.66 -0.85 1.30
N LEU A 83 1.59 -0.37 0.48
CA LEU A 83 1.73 1.08 0.29
C LEU A 83 0.43 1.66 -0.20
N MET A 84 -0.17 1.01 -1.19
CA MET A 84 -1.35 1.57 -1.85
C MET A 84 -2.56 1.51 -0.91
N VAL A 85 -2.64 0.48 -0.07
CA VAL A 85 -3.80 0.39 0.83
C VAL A 85 -3.69 1.41 1.94
N PHE A 86 -2.48 1.57 2.49
CA PHE A 86 -2.24 2.57 3.51
C PHE A 86 -2.56 3.98 3.01
N ALA A 87 -2.14 4.30 1.79
CA ALA A 87 -2.42 5.62 1.22
C ALA A 87 -3.91 5.80 0.98
N MET A 88 -4.59 4.75 0.50
CA MET A 88 -6.03 4.83 0.30
C MET A 88 -6.77 5.01 1.62
N GLY A 89 -6.30 4.36 2.67
CA GLY A 89 -6.90 4.56 3.97
C GLY A 89 -6.81 6.01 4.41
N TRP A 90 -5.65 6.66 4.17
CA TRP A 90 -5.50 8.06 4.52
C TRP A 90 -6.42 8.96 3.70
N ARG A 91 -6.51 8.70 2.38
CA ARG A 91 -7.44 9.44 1.50
C ARG A 91 -8.87 9.30 1.99
N SER A 92 -9.26 8.09 2.38
CA SER A 92 -10.62 7.88 2.86
C SER A 92 -10.85 8.66 4.14
N PHE A 93 -9.90 8.60 5.08
CA PHE A 93 -10.06 9.29 6.35
C PHE A 93 -10.20 10.80 6.15
N THR A 94 -9.40 11.38 5.25
CA THR A 94 -9.45 12.82 5.04
C THR A 94 -10.59 13.28 4.12
N ASN A 95 -11.23 12.37 3.38
CA ASN A 95 -12.17 12.78 2.33
C ASN A 95 -13.62 12.45 2.69
N VAL A 96 -13.92 11.17 2.92
CA VAL A 96 -15.28 10.72 3.23
C VAL A 96 -15.40 10.24 4.69
N ASN A 97 -14.35 10.43 5.48
CA ASN A 97 -14.25 10.14 6.91
C ASN A 97 -14.30 8.65 7.26
N SER A 98 -14.44 7.76 6.27
CA SER A 98 -14.22 6.33 6.40
C SER A 98 -15.46 5.45 6.65
N ARG A 99 -16.67 5.83 6.20
CA ARG A 99 -17.64 4.75 5.93
C ARG A 99 -17.68 4.37 4.45
N MET A 100 -17.02 5.14 3.62
CA MET A 100 -16.75 4.83 2.22
C MET A 100 -15.26 4.59 2.04
N LEU A 101 -14.90 3.96 0.93
CA LEU A 101 -13.51 3.81 0.56
C LEU A 101 -13.23 4.68 -0.66
N TYR A 102 -12.31 5.63 -0.50
CA TYR A 102 -11.95 6.60 -1.52
C TYR A 102 -10.76 6.10 -2.34
N PHE A 103 -11.02 5.06 -3.17
CA PHE A 103 -9.91 4.55 -3.99
C PHE A 103 -9.37 5.66 -4.88
N ALA A 104 -10.25 6.45 -5.46
CA ALA A 104 -9.90 7.55 -6.35
C ALA A 104 -11.06 8.51 -6.36
N PRO A 105 -10.86 9.75 -6.80
CA PRO A 105 -12.00 10.68 -6.93
C PRO A 105 -13.14 10.15 -7.76
N ASP A 106 -12.86 9.38 -8.81
CA ASP A 106 -13.88 8.78 -9.66
C ASP A 106 -14.12 7.31 -9.34
N LEU A 107 -13.67 6.83 -8.18
CA LEU A 107 -13.93 5.43 -7.79
C LEU A 107 -14.08 5.40 -6.26
N VAL A 108 -15.26 5.78 -5.78
CA VAL A 108 -15.55 5.80 -4.36
C VAL A 108 -16.52 4.67 -4.09
N PHE A 109 -16.16 3.79 -3.18
CA PHE A 109 -17.01 2.64 -2.90
C PHE A 109 -17.99 3.00 -1.79
N ASN A 110 -19.28 2.80 -2.06
CA ASN A 110 -20.31 2.76 -1.04
C ASN A 110 -20.57 1.28 -0.69
N GLU A 111 -21.56 1.02 0.16
CA GLU A 111 -21.80 -0.36 0.57
C GLU A 111 -22.24 -1.21 -0.61
N TYR A 112 -22.99 -0.62 -1.55
CA TYR A 112 -23.44 -1.40 -2.71
C TYR A 112 -22.24 -1.88 -3.52
N ARG A 113 -21.33 -0.97 -3.84
CA ARG A 113 -20.13 -1.37 -4.57
C ARG A 113 -19.29 -2.35 -3.77
N MET A 114 -19.27 -2.22 -2.44
CA MET A 114 -18.51 -3.18 -1.67
C MET A 114 -19.06 -4.58 -1.90
N HIS A 115 -20.39 -4.70 -2.03
CA HIS A 115 -20.99 -6.01 -2.26
C HIS A 115 -20.78 -6.47 -3.71
N LYS A 116 -20.99 -5.59 -4.69
CA LYS A 116 -20.91 -6.02 -6.09
C LYS A 116 -19.48 -6.36 -6.49
N SER A 117 -18.50 -5.75 -5.82
CA SER A 117 -17.10 -6.08 -6.08
C SER A 117 -16.73 -7.45 -5.54
N ARG A 118 -17.60 -8.04 -4.74
CA ARG A 118 -17.34 -9.31 -4.06
C ARG A 118 -16.15 -9.19 -3.11
N MET A 119 -15.81 -7.98 -2.69
CA MET A 119 -14.75 -7.73 -1.72
C MET A 119 -15.27 -7.15 -0.41
N TYR A 120 -16.52 -7.45 -0.04
CA TYR A 120 -17.08 -6.74 1.10
C TYR A 120 -16.22 -6.92 2.36
N SER A 121 -15.79 -8.16 2.67
CA SER A 121 -15.10 -8.35 3.94
C SER A 121 -13.74 -7.66 3.91
N GLN A 122 -13.07 -7.67 2.77
CA GLN A 122 -11.78 -6.96 2.71
C GLN A 122 -12.00 -5.46 2.81
N CYS A 123 -13.08 -4.97 2.22
CA CYS A 123 -13.37 -3.53 2.31
C CYS A 123 -13.68 -3.16 3.75
N VAL A 124 -14.33 -4.04 4.50
CA VAL A 124 -14.57 -3.76 5.91
C VAL A 124 -13.23 -3.57 6.63
N ARG A 125 -12.28 -4.46 6.37
CA ARG A 125 -10.99 -4.35 7.05
C ARG A 125 -10.23 -3.10 6.63
N MET A 126 -10.36 -2.69 5.37
CA MET A 126 -9.71 -1.49 4.86
C MET A 126 -10.34 -0.26 5.48
N ARG A 127 -11.69 -0.30 5.67
CA ARG A 127 -12.37 0.77 6.38
C ARG A 127 -11.89 0.90 7.81
N HIS A 128 -11.69 -0.23 8.49
CA HIS A 128 -11.16 -0.17 9.85
C HIS A 128 -9.77 0.45 9.87
N LEU A 129 -8.91 0.03 8.94
CA LEU A 129 -7.59 0.66 8.82
C LEU A 129 -7.72 2.16 8.66
N SER A 130 -8.61 2.58 7.75
CA SER A 130 -8.84 3.99 7.52
C SER A 130 -9.26 4.73 8.79
N GLN A 131 -10.19 4.13 9.55
CA GLN A 131 -10.68 4.77 10.77
C GLN A 131 -9.58 4.89 11.83
N GLU A 132 -8.56 4.04 11.77
CA GLU A 132 -7.53 4.16 12.80
C GLU A 132 -6.77 5.46 12.67
N PHE A 133 -6.71 6.04 11.47
CA PHE A 133 -6.05 7.34 11.37
C PHE A 133 -6.74 8.37 12.23
N GLY A 134 -8.06 8.24 12.39
CA GLY A 134 -8.81 9.15 13.24
C GLY A 134 -8.69 8.79 14.71
N TRP A 135 -8.83 7.51 15.02
CA TRP A 135 -8.79 7.10 16.42
C TRP A 135 -7.45 7.40 17.04
N LEU A 136 -6.36 7.26 16.27
CA LEU A 136 -5.03 7.52 16.78
C LEU A 136 -4.57 8.94 16.53
N GLN A 137 -5.38 9.75 15.86
CA GLN A 137 -5.02 11.14 15.56
C GLN A 137 -3.64 11.21 14.89
N ILE A 138 -3.47 10.37 13.86
CA ILE A 138 -2.22 10.31 13.10
C ILE A 138 -2.00 11.66 12.40
N THR A 139 -0.81 12.28 12.62
CA THR A 139 -0.51 13.53 11.95
C THR A 139 -0.05 13.25 10.51
N PRO A 140 -0.12 14.26 9.64
CA PRO A 140 0.46 14.07 8.29
C PRO A 140 1.92 13.66 8.30
N GLN A 141 2.74 14.22 9.18
CA GLN A 141 4.14 13.81 9.28
C GLN A 141 4.27 12.35 9.69
N GLU A 142 3.40 11.89 10.60
CA GLU A 142 3.49 10.51 11.05
C GLU A 142 3.06 9.59 9.93
N PHE A 143 2.01 9.98 9.20
CA PHE A 143 1.56 9.21 8.05
C PHE A 143 2.68 9.07 7.02
N LEU A 144 3.38 10.18 6.72
CA LEU A 144 4.42 10.14 5.68
C LEU A 144 5.57 9.23 6.08
N CYS A 145 5.99 9.27 7.34
N CYS A 145 6.00 9.29 7.34
CA CYS A 145 7.11 8.42 7.75
CA CYS A 145 7.10 8.43 7.78
C CYS A 145 6.69 6.96 7.90
C CYS A 145 6.67 6.97 7.86
N MET A 146 5.45 6.71 8.34
CA MET A 146 4.98 5.34 8.43
C MET A 146 4.89 4.73 7.03
N LYS A 147 4.39 5.50 6.07
CA LYS A 147 4.26 4.98 4.70
C LYS A 147 5.62 4.69 4.09
N ALA A 148 6.61 5.56 4.31
CA ALA A 148 7.94 5.27 3.80
C ALA A 148 8.49 3.98 4.40
N LEU A 149 8.27 3.75 5.69
CA LEU A 149 8.70 2.50 6.31
C LEU A 149 8.06 1.28 5.67
N LEU A 150 6.83 1.40 5.19
CA LEU A 150 6.14 0.25 4.66
C LEU A 150 6.85 -0.27 3.41
N LEU A 151 7.56 0.61 2.70
CA LEU A 151 8.36 0.18 1.56
C LEU A 151 9.45 -0.79 1.99
N PHE A 152 9.92 -0.70 3.23
CA PHE A 152 11.03 -1.50 3.73
C PHE A 152 10.55 -2.56 4.71
N SER A 153 9.36 -3.11 4.47
CA SER A 153 8.77 -4.00 5.46
C SER A 153 8.38 -5.35 4.88
N ILE A 154 8.91 -5.72 3.71
CA ILE A 154 8.63 -7.05 3.16
C ILE A 154 9.80 -7.47 2.25
N ILE A 155 10.41 -8.61 2.53
CA ILE A 155 11.62 -9.02 1.83
C ILE A 155 11.62 -10.54 1.68
N PRO A 156 12.42 -11.06 0.75
CA PRO A 156 12.58 -12.53 0.64
C PRO A 156 13.18 -13.15 1.88
N VAL A 157 12.78 -14.40 2.15
CA VAL A 157 13.33 -15.10 3.31
C VAL A 157 14.82 -15.39 3.11
N ASP A 158 15.25 -15.61 1.86
CA ASP A 158 16.67 -15.77 1.57
C ASP A 158 17.43 -14.45 1.49
N GLY A 159 16.76 -13.31 1.70
CA GLY A 159 17.42 -12.03 1.74
C GLY A 159 17.55 -11.38 0.38
N LEU A 160 17.91 -10.11 0.40
CA LEU A 160 18.07 -9.35 -0.83
C LEU A 160 19.49 -9.53 -1.36
N LYS A 161 19.76 -8.98 -2.55
CA LYS A 161 21.09 -9.09 -3.12
C LYS A 161 22.15 -8.38 -2.27
N ASN A 162 21.84 -7.19 -1.75
CA ASN A 162 22.68 -6.62 -0.68
C ASN A 162 21.79 -6.32 0.52
N GLN A 163 21.61 -7.34 1.35
CA GLN A 163 20.78 -7.24 2.54
C GLN A 163 21.34 -6.23 3.54
N LYS A 164 22.66 -6.13 3.66
CA LYS A 164 23.25 -5.23 4.65
C LYS A 164 22.84 -3.77 4.39
N PHE A 165 22.84 -3.34 3.12
CA PHE A 165 22.39 -1.99 2.82
C PHE A 165 20.91 -1.82 3.13
N PHE A 166 20.09 -2.85 2.88
CA PHE A 166 18.67 -2.77 3.24
C PHE A 166 18.48 -2.61 4.74
N ASP A 167 19.18 -3.43 5.53
CA ASP A 167 19.03 -3.36 6.99
C ASP A 167 19.41 -1.99 7.54
N GLU A 168 20.47 -1.38 7.01
CA GLU A 168 20.84 -0.03 7.42
C GLU A 168 19.77 0.98 7.04
N LEU A 169 19.28 0.94 5.81
CA LEU A 169 18.24 1.88 5.40
C LEU A 169 16.99 1.69 6.24
N ARG A 170 16.52 0.46 6.42
CA ARG A 170 15.32 0.26 7.23
C ARG A 170 15.54 0.82 8.63
N MET A 171 16.69 0.52 9.23
CA MET A 171 17.05 1.12 10.52
C MET A 171 16.85 2.62 10.52
N ASN A 172 17.26 3.30 9.45
CA ASN A 172 17.31 4.74 9.53
C ASN A 172 15.90 5.30 9.38
N TYR A 173 15.02 4.60 8.64
CA TYR A 173 13.62 5.02 8.56
C TYR A 173 12.90 4.80 9.88
N ILE A 174 13.23 3.71 10.60
CA ILE A 174 12.69 3.54 11.95
C ILE A 174 13.13 4.70 12.85
N LYS A 175 14.40 5.10 12.76
CA LYS A 175 14.87 6.23 13.54
C LYS A 175 14.12 7.51 13.20
N GLU A 176 13.84 7.75 11.93
CA GLU A 176 13.09 8.94 11.55
C GLU A 176 11.67 8.91 12.12
N LEU A 177 11.04 7.74 12.13
CA LEU A 177 9.73 7.65 12.78
C LEU A 177 9.83 8.01 14.25
N ASP A 178 10.86 7.49 14.94
CA ASP A 178 11.04 7.81 16.34
C ASP A 178 11.28 9.31 16.55
N ARG A 179 12.00 9.95 15.62
CA ARG A 179 12.23 11.40 15.73
C ARG A 179 10.94 12.20 15.60
N ILE A 180 10.10 11.85 14.61
CA ILE A 180 8.85 12.59 14.43
C ILE A 180 7.99 12.52 15.68
N ILE A 181 7.92 11.33 16.30
CA ILE A 181 7.19 11.20 17.55
C ILE A 181 7.80 12.10 18.61
N ALA A 182 9.13 12.01 18.79
CA ALA A 182 9.83 12.79 19.82
C ALA A 182 9.69 14.30 19.63
N CYS A 183 9.38 14.76 18.42
CA CYS A 183 9.20 16.20 18.19
C CYS A 183 7.72 16.55 18.08
N SER A 190 4.72 8.90 27.11
CA SER A 190 3.99 9.46 25.97
C SER A 190 4.66 9.04 24.65
N CYS A 191 5.93 9.41 24.48
CA CYS A 191 6.70 8.96 23.32
C CYS A 191 6.65 7.43 23.18
N SER A 192 6.89 6.74 24.29
CA SER A 192 6.91 5.27 24.26
C SER A 192 5.54 4.70 23.88
N ARG A 193 4.47 5.28 24.44
CA ARG A 193 3.13 4.82 24.08
C ARG A 193 2.86 5.06 22.59
N ARG A 194 3.20 6.24 22.09
CA ARG A 194 2.99 6.59 20.69
C ARG A 194 3.71 5.63 19.75
N PHE A 195 4.97 5.31 20.04
CA PHE A 195 5.72 4.42 19.16
C PHE A 195 5.10 3.04 19.12
N TYR A 196 4.68 2.53 20.27
CA TYR A 196 3.99 1.27 20.29
C TYR A 196 2.73 1.32 19.43
N GLN A 197 1.94 2.41 19.55
CA GLN A 197 0.70 2.52 18.80
C GLN A 197 0.98 2.52 17.30
N LEU A 198 2.00 3.25 16.87
CA LEU A 198 2.28 3.39 15.45
C LEU A 198 2.84 2.10 14.88
N THR A 199 3.72 1.41 15.61
CA THR A 199 4.24 0.16 15.08
C THR A 199 3.17 -0.94 15.08
N LYS A 200 2.22 -0.89 16.00
CA LYS A 200 1.10 -1.83 15.92
C LYS A 200 0.26 -1.54 14.67
N LEU A 201 0.04 -0.25 14.39
CA LEU A 201 -0.71 0.14 13.19
C LEU A 201 -0.02 -0.36 11.93
N LEU A 202 1.30 -0.11 11.82
CA LEU A 202 2.05 -0.62 10.68
C LEU A 202 1.90 -2.13 10.50
N ASP A 203 2.08 -2.89 11.59
CA ASP A 203 1.93 -4.33 11.51
C ASP A 203 0.56 -4.72 10.97
N SER A 204 -0.47 -3.95 11.29
CA SER A 204 -1.83 -4.33 10.94
C SER A 204 -2.09 -4.19 9.45
N VAL A 205 -1.22 -3.49 8.74
CA VAL A 205 -1.38 -3.35 7.30
C VAL A 205 -1.12 -4.67 6.60
N GLN A 206 -0.17 -5.49 7.12
CA GLN A 206 0.28 -6.66 6.36
C GLN A 206 -0.79 -7.72 6.21
N PRO A 207 -1.55 -8.08 7.23
CA PRO A 207 -2.63 -9.07 7.02
C PRO A 207 -3.67 -8.60 6.03
N ILE A 208 -3.94 -7.29 6.03
CA ILE A 208 -4.87 -6.76 5.02
C ILE A 208 -4.26 -6.90 3.63
N ALA A 209 -3.00 -6.52 3.46
CA ALA A 209 -2.39 -6.65 2.14
C ALA A 209 -2.34 -8.09 1.69
N ARG A 210 -2.16 -9.03 2.63
CA ARG A 210 -2.13 -10.44 2.25
C ARG A 210 -3.47 -10.92 1.74
N GLU A 211 -4.57 -10.49 2.35
CA GLU A 211 -5.88 -10.88 1.84
C GLU A 211 -6.08 -10.36 0.42
N LEU A 212 -5.61 -9.14 0.15
CA LEU A 212 -5.73 -8.57 -1.18
C LEU A 212 -4.78 -9.23 -2.17
N HIS A 213 -3.57 -9.65 -1.71
CA HIS A 213 -2.69 -10.42 -2.59
C HIS A 213 -3.39 -11.71 -3.03
N GLN A 214 -4.06 -12.40 -2.10
CA GLN A 214 -4.78 -13.64 -2.43
C GLN A 214 -5.91 -13.38 -3.41
N LEU A 215 -6.69 -12.31 -3.17
CA LEU A 215 -7.79 -11.98 -4.05
C LEU A 215 -7.28 -11.64 -5.44
N ALA A 216 -6.23 -10.81 -5.51
CA ALA A 216 -5.65 -10.43 -6.80
C ALA A 216 -5.22 -11.66 -7.60
N PHE A 217 -4.51 -12.57 -6.93
CA PHE A 217 -4.03 -13.77 -7.62
C PHE A 217 -5.17 -14.61 -8.12
N ASP A 218 -6.15 -14.91 -7.25
CA ASP A 218 -7.27 -15.73 -7.66
C ASP A 218 -8.01 -15.10 -8.82
N LEU A 219 -8.12 -13.76 -8.82
CA LEU A 219 -8.86 -13.11 -9.88
C LEU A 219 -8.07 -13.10 -11.20
N LEU A 220 -6.74 -12.97 -11.14
CA LEU A 220 -5.96 -13.05 -12.37
C LEU A 220 -6.11 -14.42 -13.01
N ILE A 221 -6.11 -15.48 -12.19
CA ILE A 221 -6.16 -16.84 -12.73
C ILE A 221 -7.49 -17.07 -13.45
N LYS A 222 -8.58 -16.55 -12.91
CA LYS A 222 -9.86 -16.80 -13.52
C LYS A 222 -10.36 -15.60 -14.30
N SER A 223 -9.45 -14.70 -14.71
CA SER A 223 -9.84 -13.40 -15.24
C SER A 223 -10.57 -13.54 -16.58
N HIS A 224 -10.07 -14.41 -17.47
CA HIS A 224 -10.69 -14.60 -18.77
C HIS A 224 -12.15 -15.02 -18.70
N MET A 225 -12.58 -15.58 -17.55
CA MET A 225 -13.94 -16.11 -17.42
C MET A 225 -14.89 -15.20 -16.69
N VAL A 226 -14.40 -14.29 -15.85
CA VAL A 226 -15.22 -13.28 -15.22
C VAL A 226 -15.12 -11.93 -15.92
N SER A 227 -14.53 -11.89 -17.11
CA SER A 227 -14.43 -10.66 -17.92
C SER A 227 -13.80 -9.51 -17.13
N VAL A 228 -12.72 -9.81 -16.42
CA VAL A 228 -11.96 -8.81 -15.67
C VAL A 228 -10.63 -8.61 -16.40
N ASP A 229 -10.36 -7.38 -16.81
CA ASP A 229 -9.16 -7.07 -17.58
C ASP A 229 -8.02 -6.68 -16.65
N PHE A 230 -6.84 -7.28 -16.88
CA PHE A 230 -5.63 -6.96 -16.12
C PHE A 230 -4.61 -6.23 -17.00
N PRO A 231 -4.25 -5.02 -16.63
CA PRO A 231 -3.20 -4.29 -17.35
C PRO A 231 -1.88 -5.06 -17.32
N GLU A 232 -0.97 -4.63 -18.18
CA GLU A 232 0.29 -5.35 -18.39
C GLU A 232 1.10 -5.50 -17.10
N MET A 233 1.39 -4.39 -16.41
CA MET A 233 2.29 -4.51 -15.26
C MET A 233 1.60 -5.17 -14.08
N MET A 234 0.28 -5.00 -13.94
CA MET A 234 -0.45 -5.72 -12.91
C MET A 234 -0.39 -7.22 -13.16
N ALA A 235 -0.60 -7.65 -14.41
CA ALA A 235 -0.59 -9.09 -14.67
C ALA A 235 0.78 -9.69 -14.44
N GLU A 236 1.85 -8.93 -14.76
CA GLU A 236 3.21 -9.38 -14.52
C GLU A 236 3.49 -9.50 -13.03
N ILE A 237 3.20 -8.46 -12.26
CA ILE A 237 3.54 -8.52 -10.84
C ILE A 237 2.69 -9.55 -10.12
N ILE A 238 1.42 -9.68 -10.49
CA ILE A 238 0.57 -10.61 -9.76
C ILE A 238 0.93 -12.06 -10.07
N SER A 239 1.47 -12.34 -11.26
CA SER A 239 1.82 -13.73 -11.56
C SER A 239 3.27 -14.07 -11.25
N VAL A 240 4.17 -13.08 -11.16
CA VAL A 240 5.59 -13.35 -10.89
C VAL A 240 5.94 -13.12 -9.44
N GLN A 241 5.52 -11.99 -8.88
CA GLN A 241 6.00 -11.60 -7.55
C GLN A 241 5.01 -11.98 -6.46
N VAL A 242 3.72 -11.77 -6.67
CA VAL A 242 2.73 -12.03 -5.62
C VAL A 242 2.76 -13.49 -5.20
N PRO A 243 2.92 -14.46 -6.10
CA PRO A 243 2.98 -15.87 -5.64
C PRO A 243 4.19 -16.16 -4.77
N LYS A 244 5.27 -15.37 -4.83
CA LYS A 244 6.37 -15.56 -3.88
C LYS A 244 5.91 -15.21 -2.47
N ILE A 245 5.06 -14.19 -2.35
CA ILE A 245 4.47 -13.88 -1.04
C ILE A 245 3.52 -14.98 -0.61
N LEU A 246 2.60 -15.38 -1.50
CA LEU A 246 1.60 -16.38 -1.09
C LEU A 246 2.22 -17.73 -0.76
N SER A 247 3.39 -18.04 -1.33
CA SER A 247 4.00 -19.35 -1.03
C SER A 247 5.02 -19.26 0.08
N GLY A 248 5.19 -18.07 0.68
CA GLY A 248 6.08 -17.92 1.81
C GLY A 248 7.54 -17.68 1.50
N LYS A 249 7.91 -17.46 0.23
CA LYS A 249 9.28 -17.12 -0.08
C LYS A 249 9.62 -15.67 0.22
N VAL A 250 8.61 -14.79 0.24
CA VAL A 250 8.73 -13.38 0.59
C VAL A 250 7.78 -13.11 1.74
N LYS A 251 8.30 -12.53 2.82
CA LYS A 251 7.51 -12.39 4.04
C LYS A 251 7.60 -10.98 4.61
N PRO A 252 6.53 -10.52 5.26
CA PRO A 252 6.58 -9.22 5.94
C PRO A 252 7.52 -9.24 7.12
N ILE A 253 8.12 -8.08 7.39
CA ILE A 253 8.89 -7.88 8.61
C ILE A 253 7.95 -7.23 9.62
N TYR A 254 7.65 -7.93 10.72
CA TYR A 254 6.76 -7.40 11.73
C TYR A 254 7.58 -6.80 12.88
N PHE A 255 7.04 -5.76 13.52
CA PHE A 255 7.68 -5.27 14.73
C PHE A 255 7.43 -6.22 15.91
N HIS A 256 6.18 -6.66 16.09
CA HIS A 256 5.76 -7.35 17.33
C HIS A 256 5.52 -8.88 17.24
C1 DHT B . -5.73 -0.02 -6.21
C2 DHT B . -5.18 1.25 -5.54
C3 DHT B . -5.82 1.52 -4.22
O3 DHT B . -6.17 2.63 -3.88
C4 DHT B . -5.98 0.32 -3.31
C5 DHT B . -6.56 -0.88 -4.06
C6 DHT B . -6.67 -2.10 -3.13
C7 DHT B . -7.32 -3.27 -3.86
C8 DHT B . -6.55 -3.67 -5.10
C9 DHT B . -6.40 -2.46 -6.01
C10 DHT B . -5.71 -1.26 -5.29
C11 DHT B . -5.70 -2.83 -7.32
C12 DHT B . -6.40 -3.98 -8.05
C13 DHT B . -6.58 -5.20 -7.13
C14 DHT B . -7.34 -4.72 -5.88
C15 DHT B . -7.67 -6.04 -5.17
C16 DHT B . -7.88 -7.05 -6.32
C17 DHT B . -7.59 -6.27 -7.60
O17 DHT B . -7.01 -7.16 -8.56
C18 DHT B . -5.23 -5.85 -6.81
C19 DHT B . -4.25 -1.54 -4.93
H11 DHT B . -5.20 -0.21 -7.00
H12 DHT B . -6.65 0.15 -6.47
H21 DHT B . -5.35 1.99 -6.13
H22 DHT B . -4.23 1.14 -5.42
H41 DHT B . -6.58 0.56 -2.58
H42 DHT B . -5.12 0.08 -2.95
H5 DHT B . -7.45 -0.63 -4.35
H61 DHT B . -7.20 -1.86 -2.36
H62 DHT B . -5.78 -2.35 -2.85
H71 DHT B . -7.36 -4.03 -3.25
H72 DHT B . -8.22 -3.02 -4.11
H8 DHT B . -5.68 -4.02 -4.85
H9 DHT B . -7.30 -2.17 -6.24
H111 DHT B . -4.79 -3.10 -7.11
H112 DHT B . -5.68 -2.05 -7.90
H121 DHT B . -5.85 -4.24 -8.81
H122 DHT B . -7.27 -3.68 -8.34
H14 DHT B . -8.17 -4.31 -6.16
H151 DHT B . -6.93 -6.32 -4.60
H152 DHT B . -8.49 -5.95 -4.64
H161 DHT B . -7.26 -7.79 -6.24
H162 DHT B . -8.79 -7.38 -6.32
H17 DHT B . -8.39 -5.84 -7.95
HO7 DHT B . -7.58 -7.29 -9.17
H181 DHT B . -5.05 -5.79 -5.85
H182 DHT B . -4.53 -5.40 -7.29
H183 DHT B . -5.25 -6.79 -7.07
H191 DHT B . -4.12 -1.41 -3.98
H192 DHT B . -3.67 -0.94 -5.42
H193 DHT B . -4.03 -2.46 -5.17
S SO4 C . -22.63 -8.90 -11.27
O1 SO4 C . -24.05 -8.54 -11.39
O2 SO4 C . -22.10 -9.24 -12.59
O3 SO4 C . -22.46 -10.02 -10.37
O4 SO4 C . -21.92 -7.74 -10.76
#